data_3WKH
#
_entry.id   3WKH
#
_cell.length_a   41.869
_cell.length_b   87.536
_cell.length_c   93.962
_cell.angle_alpha   90.00
_cell.angle_beta   90.00
_cell.angle_gamma   90.00
#
_symmetry.space_group_name_H-M   'P 21 21 21'
#
loop_
_entity.id
_entity.type
_entity.pdbx_description
1 polymer 'Cellobiose 2-epimerase'
2 branched beta-D-galactopyranose-(1-4)-beta-D-mannopyranose
3 non-polymer 'CHLORIDE ION'
4 non-polymer 'PHOSPHATE ION'
5 water water
#
_entity_poly.entity_id   1
_entity_poly.type   'polypeptide(L)'
_entity_poly.pdbx_seq_one_letter_code
;MSTETIPDVRRLRALQAEVHEELTENILKFWATRTHDPVHGGFVGRVGPDGRPHPEAPRGAILNARILWTFAAAYRQLGT
PLYREMAERAYRYFVRHFVDAEHGGVYWMVAADGRPLDTRKHVYAQSFAIYALSEWHRATGGEAALALARSIYDLIETHC
ADRVHGGYVEACDRAWRPLEDARLSAKDAPEPRSMNTHLHVLEAYANLYRVWPETELAARLQALIELFLRAIYHPATGHL
ILFFDERWRPRSRAVSFGHDIEASWLLLEAVDVLGQATLRPRVQQASLHLARATLAEGRAPDGSLYYEIGEQGHLDTDRH
WWPQAEALVGFLNAYQESGEVLFYEAAEDVWRYIRERQRDTRGGEWFARVRDDGAPYPDDKVDFWKGPYHNGRACLEAIQ
RLRHLLEHVRSR
;
_entity_poly.pdbx_strand_id   A
#
loop_
_chem_comp.id
_chem_comp.type
_chem_comp.name
_chem_comp.formula
BMA D-saccharide, beta linking beta-D-mannopyranose 'C6 H12 O6'
CL non-polymer 'CHLORIDE ION' 'Cl -1'
GAL D-saccharide, beta linking beta-D-galactopyranose 'C6 H12 O6'
PO4 non-polymer 'PHOSPHATE ION' 'O4 P -3'
#
# COMPACT_ATOMS: atom_id res chain seq x y z
N THR A 3 29.36 -10.60 -14.21
CA THR A 3 29.13 -9.23 -14.67
C THR A 3 28.11 -8.52 -13.78
N GLU A 4 27.77 -9.16 -12.66
CA GLU A 4 26.92 -8.54 -11.67
C GLU A 4 27.67 -7.42 -10.97
N THR A 5 27.00 -6.26 -10.82
CA THR A 5 27.54 -5.19 -9.98
C THR A 5 26.69 -5.15 -8.72
N ILE A 6 27.26 -5.57 -7.60
CA ILE A 6 26.49 -5.75 -6.38
C ILE A 6 27.24 -5.16 -5.19
N PRO A 7 26.52 -4.43 -4.32
CA PRO A 7 27.14 -3.90 -3.12
C PRO A 7 27.75 -5.02 -2.30
N ASP A 8 28.81 -4.71 -1.57
CA ASP A 8 29.46 -5.75 -0.81
C ASP A 8 28.59 -6.23 0.35
N VAL A 9 29.01 -7.36 0.93
CA VAL A 9 28.20 -8.02 1.93
C VAL A 9 28.00 -7.14 3.17
N ARG A 10 29.04 -6.40 3.55
CA ARG A 10 28.94 -5.51 4.72
C ARG A 10 27.85 -4.48 4.50
N ARG A 11 27.82 -3.90 3.30
CA ARG A 11 26.85 -2.86 3.01
C ARG A 11 25.42 -3.40 2.97
N LEU A 12 25.22 -4.53 2.32
CA LEU A 12 23.90 -5.17 2.25
C LEU A 12 23.40 -5.51 3.65
N ARG A 13 24.28 -6.11 4.45
CA ARG A 13 23.91 -6.58 5.77
C ARG A 13 23.65 -5.41 6.72
N ALA A 14 24.45 -4.33 6.57
CA ALA A 14 24.27 -3.12 7.40
C ALA A 14 22.93 -2.46 7.13
N LEU A 15 22.57 -2.35 5.85
CA LEU A 15 21.26 -1.81 5.49
C LEU A 15 20.13 -2.69 6.02
N GLN A 16 20.20 -3.99 5.77
CA GLN A 16 19.19 -4.92 6.26
C GLN A 16 18.99 -4.79 7.78
N ALA A 17 20.09 -4.68 8.53
CA ALA A 17 20.00 -4.55 9.99
C ALA A 17 19.33 -3.26 10.40
N GLU A 18 19.67 -2.17 9.71
CA GLU A 18 19.07 -0.89 10.05
C GLU A 18 17.58 -0.93 9.76
N VAL A 19 17.20 -1.53 8.63
CA VAL A 19 15.79 -1.64 8.28
C VAL A 19 15.03 -2.48 9.29
N HIS A 20 15.60 -3.60 9.70
CA HIS A 20 14.97 -4.45 10.71
C HIS A 20 14.80 -3.70 12.05
N GLU A 21 15.83 -2.98 12.46
CA GLU A 21 15.74 -2.17 13.69
C GLU A 21 14.66 -1.10 13.60
N GLU A 22 14.58 -0.42 12.47
CA GLU A 22 13.56 0.60 12.29
C GLU A 22 12.17 -0.02 12.42
N LEU A 23 11.98 -1.16 11.77
CA LEU A 23 10.68 -1.81 11.81
C LEU A 23 10.28 -2.26 13.21
N THR A 24 11.20 -2.94 13.91
CA THR A 24 10.80 -3.59 15.15
C THR A 24 10.89 -2.64 16.34
N GLU A 25 11.90 -1.78 16.34
CA GLU A 25 12.13 -0.91 17.49
C GLU A 25 11.49 0.47 17.38
N ASN A 26 11.07 0.85 16.18
CA ASN A 26 10.35 2.12 16.05
C ASN A 26 8.91 1.90 15.58
N ILE A 27 8.74 1.45 14.34
CA ILE A 27 7.40 1.37 13.74
C ILE A 27 6.44 0.45 14.50
N LEU A 28 6.77 -0.83 14.58
CA LEU A 28 5.83 -1.76 15.18
C LEU A 28 5.69 -1.55 16.68
N LYS A 29 6.76 -1.06 17.30
CA LYS A 29 6.73 -0.70 18.71
C LYS A 29 5.71 0.40 18.96
N PHE A 30 5.75 1.45 18.13
CA PHE A 30 4.78 2.52 18.26
C PHE A 30 3.36 1.99 18.12
N TRP A 31 3.11 1.19 17.08
CA TRP A 31 1.74 0.73 16.85
C TRP A 31 1.23 -0.19 17.95
N ALA A 32 2.07 -1.10 18.44
CA ALA A 32 1.64 -2.02 19.49
C ALA A 32 1.44 -1.34 20.84
N THR A 33 2.16 -0.26 21.11
CA THR A 33 2.08 0.36 22.44
C THR A 33 1.11 1.54 22.50
N ARG A 34 1.09 2.35 21.45
CA ARG A 34 0.36 3.62 21.49
C ARG A 34 -1.07 3.56 20.96
N THR A 35 -1.38 2.58 20.13
CA THR A 35 -2.67 2.62 19.42
C THR A 35 -3.78 1.68 19.86
N HIS A 36 -3.45 0.59 20.55
CA HIS A 36 -4.50 -0.29 21.09
C HIS A 36 -5.48 0.50 21.96
N ASP A 37 -6.78 0.24 21.83
CA ASP A 37 -7.76 0.91 22.68
C ASP A 37 -8.47 -0.09 23.59
N PRO A 38 -8.25 0.02 24.91
CA PRO A 38 -8.89 -0.91 25.84
C PRO A 38 -10.30 -0.49 26.23
N VAL A 39 -10.79 0.65 25.76
CA VAL A 39 -12.18 1.05 26.01
C VAL A 39 -13.15 0.40 25.02
N HIS A 40 -12.93 0.62 23.72
CA HIS A 40 -13.80 0.07 22.69
C HIS A 40 -13.23 -1.18 22.03
N GLY A 41 -12.05 -1.60 22.46
CA GLY A 41 -11.37 -2.69 21.80
C GLY A 41 -10.72 -2.17 20.54
N GLY A 42 -10.02 -3.04 19.84
CA GLY A 42 -9.37 -2.63 18.60
C GLY A 42 -8.33 -1.54 18.78
N PHE A 43 -8.34 -0.57 17.86
CA PHE A 43 -7.30 0.44 17.77
C PHE A 43 -7.90 1.83 17.60
N VAL A 44 -7.24 2.85 18.15
CA VAL A 44 -7.72 4.23 17.98
C VAL A 44 -7.69 4.67 16.51
N GLY A 45 -8.62 5.57 16.17
CA GLY A 45 -8.75 6.04 14.80
C GLY A 45 -7.83 7.20 14.49
N ARG A 46 -7.24 7.78 15.52
CA ARG A 46 -6.42 8.97 15.36
C ARG A 46 -5.41 9.09 16.50
N VAL A 47 -4.20 9.54 16.16
CA VAL A 47 -3.22 9.97 17.17
C VAL A 47 -2.71 11.33 16.72
N GLY A 48 -2.79 12.32 17.61
CA GLY A 48 -2.44 13.68 17.23
C GLY A 48 -0.95 13.92 17.07
N PRO A 49 -0.56 15.14 16.67
CA PRO A 49 0.86 15.44 16.44
C PRO A 49 1.69 15.31 17.72
N ASP A 50 1.06 15.55 18.87
CA ASP A 50 1.74 15.48 20.16
C ASP A 50 1.79 14.06 20.70
N GLY A 51 1.20 13.11 19.97
CA GLY A 51 1.21 11.72 20.38
C GLY A 51 -0.02 11.28 21.16
N ARG A 52 -0.98 12.18 21.34
CA ARG A 52 -2.23 11.89 22.05
C ARG A 52 -3.12 10.90 21.29
N PRO A 53 -3.41 9.72 21.88
CA PRO A 53 -4.38 8.87 21.17
C PRO A 53 -5.81 9.35 21.36
N HIS A 54 -6.68 9.10 20.39
CA HIS A 54 -8.06 9.54 20.47
C HIS A 54 -9.01 8.37 20.33
N PRO A 55 -9.28 7.67 21.44
CA PRO A 55 -10.09 6.45 21.39
C PRO A 55 -11.55 6.71 21.03
N GLU A 56 -11.99 7.97 21.06
CA GLU A 56 -13.37 8.26 20.68
C GLU A 56 -13.54 8.74 19.25
N ALA A 57 -12.42 8.92 18.54
CA ALA A 57 -12.48 9.35 17.14
C ALA A 57 -13.08 8.28 16.22
N PRO A 58 -13.74 8.71 15.14
CA PRO A 58 -14.24 7.79 14.11
C PRO A 58 -13.09 6.93 13.59
N ARG A 59 -13.39 5.70 13.20
CA ARG A 59 -12.36 4.73 12.80
C ARG A 59 -12.60 4.23 11.39
N GLY A 60 -11.58 4.32 10.54
CA GLY A 60 -11.73 3.95 9.14
C GLY A 60 -11.39 2.49 8.84
N ALA A 61 -12.09 1.93 7.87
CA ALA A 61 -11.90 0.54 7.49
C ALA A 61 -10.52 0.34 6.90
N ILE A 62 -10.07 1.29 6.09
CA ILE A 62 -8.76 1.21 5.46
C ILE A 62 -7.67 1.15 6.52
N LEU A 63 -7.77 2.04 7.52
CA LEU A 63 -6.77 2.07 8.58
C LEU A 63 -6.75 0.75 9.33
N ASN A 64 -7.92 0.25 9.67
CA ASN A 64 -7.98 -0.98 10.43
C ASN A 64 -7.54 -2.20 9.66
N ALA A 65 -7.84 -2.25 8.36
CA ALA A 65 -7.34 -3.31 7.53
C ALA A 65 -5.84 -3.23 7.40
N ARG A 66 -5.31 -2.01 7.39
CA ARG A 66 -3.87 -1.81 7.28
C ARG A 66 -3.15 -2.30 8.53
N ILE A 67 -3.77 -2.06 9.68
CA ILE A 67 -3.22 -2.57 10.94
C ILE A 67 -3.21 -4.10 10.92
N LEU A 68 -4.33 -4.69 10.52
CA LEU A 68 -4.42 -6.14 10.41
C LEU A 68 -3.37 -6.69 9.45
N TRP A 69 -3.28 -6.12 8.25
CA TRP A 69 -2.30 -6.61 7.29
C TRP A 69 -0.87 -6.57 7.83
N THR A 70 -0.49 -5.44 8.43
CA THR A 70 0.88 -5.20 8.84
C THR A 70 1.30 -6.16 9.94
N PHE A 71 0.47 -6.29 10.97
CA PHE A 71 0.81 -7.22 12.04
C PHE A 71 0.78 -8.67 11.57
N ALA A 72 -0.15 -9.00 10.67
CA ALA A 72 -0.20 -10.37 10.13
C ALA A 72 1.07 -10.67 9.34
N ALA A 73 1.47 -9.72 8.49
CA ALA A 73 2.66 -9.89 7.67
C ALA A 73 3.91 -9.95 8.52
N ALA A 74 3.99 -9.11 9.55
CA ALA A 74 5.14 -9.11 10.44
C ALA A 74 5.20 -10.41 11.23
N TYR A 75 4.05 -10.90 11.67
CA TYR A 75 4.03 -12.18 12.38
C TYR A 75 4.49 -13.31 11.47
N ARG A 76 4.02 -13.31 10.24
CA ARG A 76 4.35 -14.40 9.32
C ARG A 76 5.84 -14.46 9.04
N GLN A 77 6.46 -13.29 8.86
CA GLN A 77 7.84 -13.21 8.44
C GLN A 77 8.83 -13.18 9.60
N LEU A 78 8.40 -12.69 10.77
CA LEU A 78 9.32 -12.53 11.90
C LEU A 78 8.98 -13.41 13.10
N GLY A 79 7.74 -13.87 13.18
CA GLY A 79 7.33 -14.80 14.22
C GLY A 79 7.07 -14.27 15.62
N THR A 80 7.36 -13.00 15.87
CA THR A 80 7.18 -12.42 17.21
C THR A 80 5.74 -12.55 17.70
N PRO A 81 5.53 -13.19 18.86
CA PRO A 81 4.16 -13.45 19.29
C PRO A 81 3.30 -12.19 19.46
N LEU A 82 3.90 -11.07 19.89
CA LEU A 82 3.19 -9.80 20.02
C LEU A 82 2.49 -9.43 18.71
N TYR A 83 3.13 -9.73 17.59
CA TYR A 83 2.55 -9.33 16.30
C TYR A 83 1.26 -10.12 16.00
N ARG A 84 1.27 -11.41 16.32
CA ARG A 84 0.05 -12.21 16.19
C ARG A 84 -1.06 -11.71 17.11
N GLU A 85 -0.69 -11.34 18.34
CA GLU A 85 -1.66 -10.81 19.29
C GLU A 85 -2.29 -9.52 18.77
N MET A 86 -1.46 -8.64 18.21
CA MET A 86 -1.97 -7.38 17.67
C MET A 86 -2.85 -7.59 16.43
N ALA A 87 -2.45 -8.52 15.57
CA ALA A 87 -3.25 -8.85 14.40
C ALA A 87 -4.58 -9.45 14.81
N GLU A 88 -4.55 -10.34 15.80
CA GLU A 88 -5.79 -10.93 16.30
C GLU A 88 -6.74 -9.84 16.81
N ARG A 89 -6.20 -8.89 17.56
CA ARG A 89 -6.97 -7.76 18.07
C ARG A 89 -7.61 -6.98 16.92
N ALA A 90 -6.83 -6.69 15.88
CA ALA A 90 -7.36 -5.98 14.73
C ALA A 90 -8.46 -6.79 14.03
N TYR A 91 -8.22 -8.09 13.85
CA TYR A 91 -9.14 -8.98 13.17
C TYR A 91 -10.48 -9.08 13.88
N ARG A 92 -10.44 -9.28 15.20
CA ARG A 92 -11.70 -9.40 15.94
C ARG A 92 -12.58 -8.15 15.83
N TYR A 93 -11.99 -6.97 16.02
CA TYR A 93 -12.75 -5.73 15.87
C TYR A 93 -13.27 -5.60 14.44
N PHE A 94 -12.44 -5.98 13.46
CA PHE A 94 -12.77 -5.78 12.06
C PHE A 94 -14.02 -6.57 11.68
N VAL A 95 -14.08 -7.84 12.08
CA VAL A 95 -15.19 -8.72 11.74
C VAL A 95 -16.45 -8.30 12.50
N ARG A 96 -16.26 -7.87 13.73
CA ARG A 96 -17.35 -7.43 14.58
C ARG A 96 -18.06 -6.20 14.01
N HIS A 97 -17.29 -5.20 13.60
CA HIS A 97 -17.87 -3.88 13.32
C HIS A 97 -17.77 -3.37 11.89
N PHE A 98 -16.66 -3.66 11.21
CA PHE A 98 -16.52 -3.20 9.83
C PHE A 98 -17.26 -4.07 8.82
N VAL A 99 -17.32 -5.37 9.07
CA VAL A 99 -18.01 -6.29 8.17
C VAL A 99 -19.52 -6.20 8.29
N ASP A 100 -20.15 -5.91 7.15
CA ASP A 100 -21.60 -5.84 7.04
C ASP A 100 -22.11 -7.26 6.92
N ALA A 101 -22.67 -7.80 8.00
CA ALA A 101 -23.10 -9.19 7.97
C ALA A 101 -24.30 -9.38 7.06
N GLU A 102 -25.02 -8.30 6.78
CA GLU A 102 -26.24 -8.37 5.98
C GLU A 102 -26.00 -8.24 4.48
N HIS A 103 -25.37 -7.14 4.05
CA HIS A 103 -25.17 -6.91 2.62
C HIS A 103 -23.76 -7.29 2.14
N GLY A 104 -22.88 -7.63 3.07
CA GLY A 104 -21.53 -8.05 2.72
C GLY A 104 -20.56 -6.88 2.56
N GLY A 105 -19.26 -7.18 2.54
CA GLY A 105 -18.26 -6.14 2.42
C GLY A 105 -18.05 -5.35 3.70
N VAL A 106 -17.26 -4.28 3.62
CA VAL A 106 -16.95 -3.47 4.81
C VAL A 106 -17.43 -2.01 4.72
N TYR A 107 -17.95 -1.51 5.83
CA TYR A 107 -18.32 -0.09 5.94
C TYR A 107 -17.09 0.81 5.82
N TRP A 108 -17.30 2.04 5.37
CA TRP A 108 -16.22 3.02 5.23
C TRP A 108 -15.64 3.49 6.58
N MET A 109 -16.54 3.78 7.51
CA MET A 109 -16.18 4.36 8.80
C MET A 109 -17.17 3.89 9.84
N VAL A 110 -16.67 3.56 11.03
CA VAL A 110 -17.56 3.27 12.15
C VAL A 110 -17.22 4.22 13.29
N ALA A 111 -18.18 4.45 14.18
CA ALA A 111 -17.88 5.19 15.40
C ALA A 111 -16.95 4.33 16.23
N ALA A 112 -16.29 4.94 17.22
CA ALA A 112 -15.34 4.21 18.03
C ALA A 112 -15.93 2.96 18.65
N ASP A 113 -17.20 3.03 19.05
CA ASP A 113 -17.84 1.89 19.70
C ASP A 113 -18.34 0.83 18.71
N GLY A 114 -18.12 1.07 17.43
CA GLY A 114 -18.40 0.06 16.43
C GLY A 114 -19.60 0.33 15.55
N ARG A 115 -20.47 1.24 15.98
CA ARG A 115 -21.67 1.58 15.23
C ARG A 115 -21.30 2.11 13.85
N PRO A 116 -22.01 1.64 12.81
CA PRO A 116 -21.74 2.16 11.46
C PRO A 116 -21.98 3.66 11.40
N LEU A 117 -21.09 4.39 10.74
CA LEU A 117 -21.11 5.84 10.74
C LEU A 117 -21.14 6.35 9.31
N ASP A 118 -20.41 5.67 8.43
CA ASP A 118 -20.49 5.92 7.00
C ASP A 118 -20.53 4.55 6.35
N THR A 119 -21.68 4.18 5.80
CA THR A 119 -21.89 2.81 5.36
C THR A 119 -21.66 2.59 3.87
N ARG A 120 -21.07 3.57 3.20
CA ARG A 120 -20.75 3.38 1.79
C ARG A 120 -19.81 2.18 1.65
N LYS A 121 -19.89 1.52 0.51
CA LYS A 121 -19.01 0.39 0.19
C LYS A 121 -18.04 0.86 -0.90
N HIS A 122 -16.88 1.36 -0.51
CA HIS A 122 -15.90 1.83 -1.48
C HIS A 122 -14.94 0.71 -1.85
N VAL A 123 -14.71 0.52 -3.15
CA VAL A 123 -13.88 -0.57 -3.64
C VAL A 123 -12.45 -0.50 -3.08
N TYR A 124 -11.97 0.70 -2.82
CA TYR A 124 -10.65 0.90 -2.22
C TYR A 124 -10.63 0.22 -0.85
N ALA A 125 -11.68 0.43 -0.07
CA ALA A 125 -11.79 -0.21 1.24
C ALA A 125 -12.05 -1.72 1.13
N GLN A 126 -12.85 -2.14 0.17
CA GLN A 126 -13.11 -3.57 -0.03
C GLN A 126 -11.81 -4.28 -0.39
N SER A 127 -10.99 -3.60 -1.20
CA SER A 127 -9.68 -4.14 -1.58
C SER A 127 -8.79 -4.33 -0.36
N PHE A 128 -8.66 -3.29 0.47
CA PHE A 128 -7.82 -3.45 1.65
C PHE A 128 -8.33 -4.55 2.59
N ALA A 129 -9.64 -4.75 2.64
CA ALA A 129 -10.21 -5.85 3.40
C ALA A 129 -9.70 -7.18 2.84
N ILE A 130 -9.84 -7.37 1.54
CA ILE A 130 -9.35 -8.58 0.89
C ILE A 130 -7.85 -8.79 1.14
N TYR A 131 -7.06 -7.73 0.98
CA TYR A 131 -5.61 -7.78 1.18
C TYR A 131 -5.27 -8.24 2.60
N ALA A 132 -5.91 -7.64 3.59
CA ALA A 132 -5.62 -7.92 4.99
C ALA A 132 -6.09 -9.30 5.42
N LEU A 133 -7.31 -9.65 5.03
CA LEU A 133 -7.87 -10.95 5.38
C LEU A 133 -7.07 -12.08 4.76
N SER A 134 -6.65 -11.91 3.51
CA SER A 134 -5.83 -12.93 2.88
C SER A 134 -4.49 -13.09 3.58
N GLU A 135 -3.89 -11.98 4.01
CA GLU A 135 -2.62 -12.06 4.73
C GLU A 135 -2.78 -12.73 6.09
N TRP A 136 -3.87 -12.41 6.78
CA TRP A 136 -4.15 -13.05 8.06
C TRP A 136 -4.34 -14.55 7.85
N HIS A 137 -4.99 -14.95 6.76
CA HIS A 137 -5.10 -16.38 6.45
C HIS A 137 -3.73 -17.01 6.17
N ARG A 138 -2.90 -16.30 5.41
CA ARG A 138 -1.55 -16.77 5.14
C ARG A 138 -0.76 -16.95 6.43
N ALA A 139 -1.03 -16.10 7.42
CA ALA A 139 -0.28 -16.11 8.67
C ALA A 139 -0.75 -17.18 9.67
N THR A 140 -2.04 -17.51 9.64
CA THR A 140 -2.62 -18.34 10.71
C THR A 140 -3.49 -19.51 10.23
N GLY A 141 -3.87 -19.52 8.96
CA GLY A 141 -4.69 -20.60 8.43
C GLY A 141 -6.17 -20.46 8.69
N GLY A 142 -6.58 -19.32 9.28
CA GLY A 142 -7.97 -19.08 9.60
C GLY A 142 -8.92 -19.21 8.42
N GLU A 143 -9.88 -20.13 8.51
CA GLU A 143 -10.78 -20.35 7.39
C GLU A 143 -11.83 -19.26 7.23
N ALA A 144 -12.28 -18.68 8.35
CA ALA A 144 -13.29 -17.62 8.28
C ALA A 144 -12.73 -16.43 7.53
N ALA A 145 -11.46 -16.11 7.77
CA ALA A 145 -10.83 -14.95 7.15
C ALA A 145 -10.79 -15.11 5.63
N LEU A 146 -10.42 -16.30 5.17
CA LEU A 146 -10.39 -16.56 3.74
C LEU A 146 -11.78 -16.58 3.11
N ALA A 147 -12.76 -17.17 3.79
CA ALA A 147 -14.13 -17.16 3.28
C ALA A 147 -14.67 -15.74 3.14
N LEU A 148 -14.33 -14.89 4.10
CA LEU A 148 -14.75 -13.49 4.08
C LEU A 148 -14.11 -12.74 2.91
N ALA A 149 -12.82 -12.96 2.70
CA ALA A 149 -12.11 -12.35 1.59
C ALA A 149 -12.75 -12.76 0.27
N ARG A 150 -13.04 -14.05 0.13
CA ARG A 150 -13.72 -14.53 -1.07
C ARG A 150 -15.09 -13.88 -1.26
N SER A 151 -15.85 -13.71 -0.18
CA SER A 151 -17.19 -13.11 -0.29
C SER A 151 -17.11 -11.68 -0.80
N ILE A 152 -16.09 -10.94 -0.33
CA ILE A 152 -15.91 -9.55 -0.74
C ILE A 152 -15.47 -9.46 -2.21
N TYR A 153 -14.59 -10.36 -2.62
CA TYR A 153 -14.21 -10.50 -4.02
C TYR A 153 -15.44 -10.68 -4.91
N ASP A 154 -16.33 -11.59 -4.53
CA ASP A 154 -17.57 -11.79 -5.29
C ASP A 154 -18.45 -10.53 -5.39
N LEU A 155 -18.55 -9.79 -4.29
CA LEU A 155 -19.36 -8.57 -4.30
C LEU A 155 -18.79 -7.50 -5.23
N ILE A 156 -17.47 -7.33 -5.24
CA ILE A 156 -16.84 -6.39 -6.16
C ILE A 156 -17.16 -6.75 -7.61
N GLU A 157 -16.98 -8.01 -7.96
CA GLU A 157 -17.23 -8.46 -9.32
C GLU A 157 -18.72 -8.33 -9.69
N THR A 158 -19.60 -8.63 -8.74
CA THR A 158 -21.04 -8.59 -9.02
C THR A 158 -21.59 -7.18 -9.19
N HIS A 159 -21.21 -6.27 -8.28
CA HIS A 159 -21.80 -4.94 -8.24
C HIS A 159 -20.99 -3.82 -8.88
N CYS A 160 -19.72 -4.07 -9.17
CA CYS A 160 -18.81 -2.98 -9.54
C CYS A 160 -18.09 -3.14 -10.88
N ALA A 161 -17.85 -4.37 -11.31
CA ALA A 161 -17.11 -4.60 -12.54
C ALA A 161 -17.78 -3.94 -13.74
N ASP A 162 -17.00 -3.19 -14.52
CA ASP A 162 -17.50 -2.63 -15.76
C ASP A 162 -17.08 -3.60 -16.86
N ARG A 163 -18.04 -4.37 -17.36
CA ARG A 163 -17.73 -5.44 -18.29
C ARG A 163 -17.71 -4.94 -19.74
N VAL A 164 -18.08 -3.68 -19.95
CA VAL A 164 -17.97 -3.07 -21.29
C VAL A 164 -16.58 -2.49 -21.52
N HIS A 165 -16.01 -1.89 -20.47
CA HIS A 165 -14.82 -1.05 -20.60
C HIS A 165 -13.57 -1.58 -19.90
N GLY A 166 -13.75 -2.50 -18.96
CA GLY A 166 -12.65 -2.96 -18.13
C GLY A 166 -12.62 -2.20 -16.82
N GLY A 167 -12.07 -2.81 -15.78
CA GLY A 167 -11.99 -2.13 -14.50
C GLY A 167 -13.30 -2.09 -13.75
N TYR A 168 -13.42 -1.15 -12.82
CA TYR A 168 -14.48 -1.17 -11.80
C TYR A 168 -15.08 0.20 -11.50
N VAL A 169 -16.40 0.22 -11.31
CA VAL A 169 -17.04 1.34 -10.63
C VAL A 169 -16.46 1.30 -9.22
N GLU A 170 -16.14 2.46 -8.65
CA GLU A 170 -15.35 2.47 -7.43
C GLU A 170 -16.06 2.68 -6.09
N ALA A 171 -17.36 2.95 -6.12
CA ALA A 171 -18.07 3.16 -4.87
C ALA A 171 -19.55 2.84 -5.00
N CYS A 172 -20.08 2.16 -3.98
CA CYS A 172 -21.51 1.90 -3.89
C CYS A 172 -22.02 2.35 -2.53
N ASP A 173 -23.34 2.36 -2.35
CA ASP A 173 -23.86 2.59 -1.01
C ASP A 173 -23.90 1.26 -0.26
N ARG A 174 -24.45 1.28 0.95
CA ARG A 174 -24.45 0.12 1.83
C ARG A 174 -24.99 -1.15 1.18
N ALA A 175 -26.01 -1.00 0.35
CA ALA A 175 -26.64 -2.16 -0.30
C ALA A 175 -26.15 -2.36 -1.72
N TRP A 176 -24.98 -1.80 -2.00
CA TRP A 176 -24.27 -1.99 -3.29
C TRP A 176 -24.91 -1.31 -4.49
N ARG A 177 -25.72 -0.28 -4.24
CA ARG A 177 -26.20 0.59 -5.31
C ARG A 177 -25.12 1.63 -5.56
N PRO A 178 -24.65 1.77 -6.79
CA PRO A 178 -23.45 2.59 -6.99
C PRO A 178 -23.67 4.09 -6.69
N LEU A 179 -22.58 4.81 -6.41
CA LEU A 179 -22.65 6.23 -6.06
C LEU A 179 -22.18 7.10 -7.21
N GLU A 180 -22.72 8.32 -7.29
CA GLU A 180 -22.17 9.29 -8.22
C GLU A 180 -20.76 9.70 -7.78
N ASP A 181 -20.61 10.00 -6.49
CA ASP A 181 -19.35 10.49 -5.94
C ASP A 181 -18.47 9.36 -5.40
N ALA A 182 -17.48 8.96 -6.19
CA ALA A 182 -16.55 7.91 -5.78
C ALA A 182 -15.24 8.45 -5.22
N ARG A 183 -15.20 9.75 -4.94
CA ARG A 183 -13.99 10.36 -4.41
C ARG A 183 -13.62 9.73 -3.06
N LEU A 184 -12.33 9.49 -2.87
CA LEU A 184 -11.81 8.99 -1.60
C LEU A 184 -11.73 10.16 -0.62
N SER A 185 -11.40 11.34 -1.15
CA SER A 185 -11.27 12.55 -0.35
C SER A 185 -11.49 13.76 -1.25
N ALA A 186 -11.52 14.95 -0.64
CA ALA A 186 -11.73 16.19 -1.37
C ALA A 186 -10.66 16.47 -2.43
N LYS A 187 -9.46 15.92 -2.23
CA LYS A 187 -8.34 16.16 -3.14
C LYS A 187 -8.55 15.50 -4.51
N ASP A 188 -9.36 14.46 -4.54
CA ASP A 188 -9.48 13.62 -5.72
C ASP A 188 -10.42 14.21 -6.78
N ALA A 189 -10.06 14.03 -8.06
CA ALA A 189 -10.90 14.49 -9.16
C ALA A 189 -12.25 13.77 -9.15
N PRO A 190 -13.34 14.51 -9.42
CA PRO A 190 -14.66 13.87 -9.42
C PRO A 190 -14.87 13.10 -10.72
N GLU A 191 -14.09 12.04 -10.90
CA GLU A 191 -14.13 11.23 -12.11
C GLU A 191 -14.50 9.79 -11.77
N PRO A 192 -15.06 9.06 -12.73
CA PRO A 192 -15.56 7.71 -12.39
C PRO A 192 -14.47 6.66 -12.24
N ARG A 193 -13.26 6.90 -12.73
CA ARG A 193 -12.22 5.88 -12.62
C ARG A 193 -10.90 6.48 -12.13
N SER A 194 -10.25 5.79 -11.20
CA SER A 194 -8.96 6.25 -10.69
C SER A 194 -7.92 5.14 -10.71
N MET A 195 -6.68 5.53 -11.03
CA MET A 195 -5.55 4.63 -10.95
C MET A 195 -5.43 4.12 -9.53
N ASN A 196 -5.62 5.02 -8.57
CA ASN A 196 -5.42 4.72 -7.15
C ASN A 196 -6.25 3.52 -6.68
N THR A 197 -7.55 3.57 -6.91
CA THR A 197 -8.41 2.47 -6.54
C THR A 197 -8.07 1.18 -7.31
N HIS A 198 -7.76 1.31 -8.59
CA HIS A 198 -7.47 0.13 -9.39
C HIS A 198 -6.13 -0.53 -8.99
N LEU A 199 -5.17 0.27 -8.54
CA LEU A 199 -3.90 -0.27 -8.04
C LEU A 199 -4.12 -1.14 -6.82
N HIS A 200 -5.00 -0.69 -5.94
CA HIS A 200 -5.26 -1.46 -4.74
C HIS A 200 -6.18 -2.66 -4.97
N VAL A 201 -6.97 -2.62 -6.03
CA VAL A 201 -7.68 -3.84 -6.43
C VAL A 201 -6.65 -4.88 -6.89
N LEU A 202 -5.73 -4.47 -7.74
CA LEU A 202 -4.66 -5.34 -8.20
C LEU A 202 -3.88 -5.96 -7.04
N GLU A 203 -3.50 -5.12 -6.10
CA GLU A 203 -2.75 -5.53 -4.91
C GLU A 203 -3.51 -6.58 -4.10
N ALA A 204 -4.78 -6.32 -3.85
CA ALA A 204 -5.60 -7.24 -3.06
C ALA A 204 -5.78 -8.56 -3.79
N TYR A 205 -6.11 -8.48 -5.07
CA TYR A 205 -6.37 -9.67 -5.86
C TYR A 205 -5.14 -10.57 -5.96
N ALA A 206 -3.96 -9.97 -6.07
CA ALA A 206 -2.71 -10.75 -6.05
C ALA A 206 -2.54 -11.51 -4.73
N ASN A 207 -2.75 -10.85 -3.61
CA ASN A 207 -2.61 -11.55 -2.33
C ASN A 207 -3.68 -12.62 -2.13
N LEU A 208 -4.88 -12.38 -2.64
CA LEU A 208 -5.95 -13.37 -2.54
C LEU A 208 -5.58 -14.58 -3.38
N TYR A 209 -5.03 -14.33 -4.57
CA TYR A 209 -4.68 -15.43 -5.47
C TYR A 209 -3.58 -16.32 -4.88
N ARG A 210 -2.72 -15.75 -4.04
CA ARG A 210 -1.70 -16.54 -3.36
C ARG A 210 -2.27 -17.65 -2.49
N VAL A 211 -3.41 -17.38 -1.87
CA VAL A 211 -3.99 -18.34 -0.94
C VAL A 211 -5.23 -19.04 -1.50
N TRP A 212 -5.68 -18.58 -2.66
CA TRP A 212 -6.87 -19.12 -3.30
C TRP A 212 -6.75 -18.95 -4.81
N PRO A 213 -6.02 -19.85 -5.46
CA PRO A 213 -5.72 -19.71 -6.89
C PRO A 213 -6.88 -20.09 -7.80
N GLU A 214 -8.00 -19.38 -7.68
CA GLU A 214 -9.18 -19.65 -8.50
C GLU A 214 -9.00 -19.19 -9.95
N THR A 215 -9.52 -19.97 -10.88
CA THR A 215 -9.34 -19.69 -12.31
C THR A 215 -9.92 -18.36 -12.74
N GLU A 216 -11.14 -18.04 -12.32
CA GLU A 216 -11.72 -16.77 -12.68
C GLU A 216 -10.95 -15.61 -12.05
N LEU A 217 -10.44 -15.79 -10.84
CA LEU A 217 -9.65 -14.74 -10.18
C LEU A 217 -8.39 -14.45 -10.98
N ALA A 218 -7.74 -15.50 -11.47
CA ALA A 218 -6.55 -15.33 -12.32
C ALA A 218 -6.88 -14.50 -13.54
N ALA A 219 -8.04 -14.73 -14.13
CA ALA A 219 -8.46 -13.97 -15.32
C ALA A 219 -8.73 -12.51 -14.97
N ARG A 220 -9.35 -12.28 -13.82
CA ARG A 220 -9.62 -10.92 -13.37
C ARG A 220 -8.32 -10.18 -13.05
N LEU A 221 -7.38 -10.87 -12.44
CA LEU A 221 -6.11 -10.25 -12.08
C LEU A 221 -5.32 -9.93 -13.36
N GLN A 222 -5.33 -10.87 -14.30
CA GLN A 222 -4.67 -10.63 -15.57
C GLN A 222 -5.31 -9.46 -16.31
N ALA A 223 -6.64 -9.37 -16.30
CA ALA A 223 -7.31 -8.25 -16.96
C ALA A 223 -6.85 -6.93 -16.37
N LEU A 224 -6.64 -6.90 -15.05
CA LEU A 224 -6.22 -5.68 -14.38
C LEU A 224 -4.79 -5.30 -14.78
N ILE A 225 -3.90 -6.29 -14.85
CA ILE A 225 -2.52 -6.05 -15.30
C ILE A 225 -2.56 -5.48 -16.72
N GLU A 226 -3.36 -6.10 -17.58
CA GLU A 226 -3.47 -5.63 -18.96
C GLU A 226 -4.05 -4.23 -19.05
N LEU A 227 -5.00 -3.91 -18.17
CA LEU A 227 -5.59 -2.57 -18.12
C LEU A 227 -4.52 -1.53 -17.77
N PHE A 228 -3.67 -1.87 -16.80
CA PHE A 228 -2.60 -0.96 -16.42
C PHE A 228 -1.69 -0.67 -17.61
N LEU A 229 -1.28 -1.71 -18.31
CA LEU A 229 -0.36 -1.57 -19.46
C LEU A 229 -0.99 -0.80 -20.61
N ARG A 230 -2.28 -1.01 -20.84
CA ARG A 230 -2.98 -0.41 -21.97
C ARG A 230 -3.46 1.03 -21.73
N ALA A 231 -3.97 1.28 -20.54
CA ALA A 231 -4.72 2.52 -20.31
C ALA A 231 -4.13 3.46 -19.26
N ILE A 232 -3.44 2.89 -18.27
CA ILE A 232 -3.02 3.68 -17.13
C ILE A 232 -1.56 4.14 -17.22
N TYR A 233 -0.66 3.20 -17.45
CA TYR A 233 0.75 3.53 -17.71
C TYR A 233 0.89 4.26 -19.04
N HIS A 234 1.64 5.36 -19.05
CA HIS A 234 1.81 6.18 -20.24
C HIS A 234 3.25 6.09 -20.73
N PRO A 235 3.49 5.32 -21.80
CA PRO A 235 4.87 5.12 -22.27
C PRO A 235 5.59 6.40 -22.69
N ALA A 236 4.87 7.45 -23.09
CA ALA A 236 5.56 8.67 -23.50
C ALA A 236 6.18 9.41 -22.31
N THR A 237 5.64 9.21 -21.11
CA THR A 237 6.10 10.02 -19.97
C THR A 237 6.69 9.19 -18.84
N GLY A 238 6.37 7.90 -18.81
CA GLY A 238 6.83 7.05 -17.72
C GLY A 238 6.07 7.29 -16.43
N HIS A 239 4.89 7.89 -16.54
CA HIS A 239 4.03 8.12 -15.38
C HIS A 239 2.68 7.46 -15.56
N LEU A 240 2.02 7.17 -14.45
CA LEU A 240 0.63 6.72 -14.44
C LEU A 240 -0.30 7.93 -14.56
N ILE A 241 -1.32 7.79 -15.40
CA ILE A 241 -2.39 8.77 -15.47
C ILE A 241 -3.31 8.47 -14.29
N LEU A 242 -3.80 9.51 -13.62
CA LEU A 242 -4.47 9.33 -12.34
C LEU A 242 -5.99 9.13 -12.39
N PHE A 243 -6.67 9.81 -13.32
CA PHE A 243 -8.13 9.73 -13.36
C PHE A 243 -8.63 9.63 -14.78
N PHE A 244 -9.77 8.99 -14.95
CA PHE A 244 -10.29 8.68 -16.29
C PHE A 244 -11.81 8.72 -16.31
N ASP A 245 -12.40 8.76 -17.49
CA ASP A 245 -13.82 8.45 -17.58
C ASP A 245 -13.99 6.93 -17.67
N GLU A 246 -15.23 6.51 -17.91
CA GLU A 246 -15.53 5.08 -17.93
C GLU A 246 -14.83 4.32 -19.05
N ARG A 247 -14.48 5.01 -20.15
CA ARG A 247 -13.81 4.33 -21.26
C ARG A 247 -12.31 4.53 -21.20
N TRP A 248 -11.81 4.93 -20.04
CA TRP A 248 -10.38 5.11 -19.80
C TRP A 248 -9.77 6.24 -20.62
N ARG A 249 -10.59 7.22 -20.97
CA ARG A 249 -10.09 8.45 -21.55
C ARG A 249 -9.51 9.28 -20.40
N PRO A 250 -8.28 9.77 -20.54
CA PRO A 250 -7.65 10.52 -19.44
C PRO A 250 -8.43 11.76 -19.05
N ARG A 251 -8.53 12.02 -17.74
CA ARG A 251 -9.22 13.20 -17.23
C ARG A 251 -8.36 13.90 -16.19
N SER A 252 -7.05 13.69 -16.30
CA SER A 252 -6.10 14.22 -15.34
C SER A 252 -4.74 14.38 -16.01
N ARG A 253 -3.95 15.37 -15.55
CA ARG A 253 -2.56 15.49 -15.99
C ARG A 253 -1.58 15.43 -14.82
N ALA A 254 -2.11 15.27 -13.61
CA ALA A 254 -1.26 15.21 -12.42
C ALA A 254 -0.31 14.01 -12.47
N VAL A 255 0.81 14.13 -11.77
CA VAL A 255 1.77 13.05 -11.68
C VAL A 255 2.03 12.76 -10.21
N SER A 256 1.92 11.51 -9.81
CA SER A 256 2.17 11.12 -8.42
C SER A 256 3.38 10.19 -8.38
N PHE A 257 4.50 10.70 -7.91
CA PHE A 257 5.75 9.93 -7.93
C PHE A 257 5.62 8.70 -7.04
N GLY A 258 4.98 8.86 -5.88
CA GLY A 258 4.76 7.73 -4.97
C GLY A 258 3.97 6.59 -5.57
N HIS A 259 2.88 6.91 -6.25
CA HIS A 259 2.10 5.89 -6.96
C HIS A 259 2.90 5.22 -8.08
N ASP A 260 3.68 5.99 -8.82
CA ASP A 260 4.49 5.44 -9.91
C ASP A 260 5.44 4.36 -9.37
N ILE A 261 6.16 4.69 -8.31
CA ILE A 261 7.19 3.79 -7.81
C ILE A 261 6.58 2.59 -7.07
N GLU A 262 5.42 2.79 -6.44
CA GLU A 262 4.64 1.69 -5.83
C GLU A 262 4.16 0.72 -6.89
N ALA A 263 3.55 1.25 -7.95
CA ALA A 263 3.08 0.41 -9.06
C ALA A 263 4.21 -0.37 -9.71
N SER A 264 5.38 0.27 -9.80
CA SER A 264 6.54 -0.32 -10.45
C SER A 264 6.85 -1.69 -9.85
N TRP A 265 6.68 -1.84 -8.55
CA TRP A 265 6.93 -3.15 -7.98
C TRP A 265 5.68 -4.02 -7.80
N LEU A 266 4.54 -3.40 -7.53
CA LEU A 266 3.30 -4.17 -7.35
C LEU A 266 2.84 -4.86 -8.65
N LEU A 267 3.05 -4.21 -9.79
CA LEU A 267 2.68 -4.84 -11.07
C LEU A 267 3.46 -6.12 -11.30
N LEU A 268 4.75 -6.10 -11.01
CA LEU A 268 5.56 -7.32 -11.11
C LEU A 268 5.21 -8.35 -10.04
N GLU A 269 4.82 -7.90 -8.85
CA GLU A 269 4.39 -8.85 -7.83
C GLU A 269 3.16 -9.60 -8.36
N ALA A 270 2.24 -8.86 -8.98
CA ALA A 270 1.01 -9.47 -9.47
C ALA A 270 1.28 -10.45 -10.61
N VAL A 271 2.12 -10.07 -11.57
CA VAL A 271 2.37 -10.97 -12.69
C VAL A 271 3.06 -12.24 -12.24
N ASP A 272 3.92 -12.12 -11.22
CA ASP A 272 4.67 -13.27 -10.71
C ASP A 272 3.81 -14.21 -9.86
N VAL A 273 2.84 -13.65 -9.12
CA VAL A 273 1.88 -14.47 -8.39
C VAL A 273 1.08 -15.32 -9.37
N LEU A 274 0.71 -14.72 -10.49
CA LEU A 274 -0.02 -15.41 -11.56
C LEU A 274 0.87 -16.39 -12.30
N GLY A 275 2.17 -16.13 -12.31
CA GLY A 275 3.09 -16.90 -13.13
C GLY A 275 2.86 -16.64 -14.61
N GLN A 276 2.50 -15.41 -14.95
CA GLN A 276 2.18 -15.06 -16.34
C GLN A 276 3.42 -14.69 -17.15
N ALA A 277 4.18 -15.70 -17.58
CA ALA A 277 5.41 -15.48 -18.33
C ALA A 277 5.23 -14.65 -19.62
N THR A 278 4.08 -14.77 -20.26
CA THR A 278 3.86 -14.07 -21.53
C THR A 278 3.80 -12.56 -21.34
N LEU A 279 3.19 -12.14 -20.24
CA LEU A 279 2.95 -10.72 -19.94
C LEU A 279 4.17 -10.08 -19.27
N ARG A 280 5.02 -10.89 -18.64
CA ARG A 280 6.08 -10.35 -17.81
C ARG A 280 7.05 -9.36 -18.49
N PRO A 281 7.53 -9.67 -19.71
CA PRO A 281 8.48 -8.72 -20.31
C PRO A 281 7.92 -7.31 -20.46
N ARG A 282 6.66 -7.20 -20.86
CA ARG A 282 6.01 -5.88 -20.98
C ARG A 282 5.82 -5.21 -19.63
N VAL A 283 5.44 -5.99 -18.62
CA VAL A 283 5.28 -5.44 -17.28
C VAL A 283 6.64 -4.99 -16.75
N GLN A 284 7.67 -5.80 -16.97
CA GLN A 284 9.01 -5.42 -16.52
C GLN A 284 9.46 -4.14 -17.21
N GLN A 285 9.17 -4.00 -18.50
CA GLN A 285 9.54 -2.80 -19.22
C GLN A 285 8.86 -1.56 -18.62
N ALA A 286 7.56 -1.66 -18.38
CA ALA A 286 6.82 -0.54 -17.82
C ALA A 286 7.30 -0.26 -16.41
N SER A 287 7.54 -1.33 -15.65
CA SER A 287 8.04 -1.19 -14.28
C SER A 287 9.36 -0.43 -14.20
N LEU A 288 10.32 -0.81 -15.04
CA LEU A 288 11.61 -0.14 -15.05
C LEU A 288 11.50 1.32 -15.48
N HIS A 289 10.63 1.57 -16.46
CA HIS A 289 10.41 2.93 -16.92
C HIS A 289 9.83 3.81 -15.82
N LEU A 290 8.79 3.31 -15.14
CA LEU A 290 8.22 4.02 -13.98
C LEU A 290 9.30 4.33 -12.97
N ALA A 291 10.18 3.35 -12.71
CA ALA A 291 11.25 3.58 -11.74
C ALA A 291 12.28 4.62 -12.21
N ARG A 292 12.64 4.58 -13.50
CA ARG A 292 13.57 5.56 -14.04
C ARG A 292 12.98 6.97 -14.06
N ALA A 293 11.71 7.06 -14.42
CA ALA A 293 11.03 8.36 -14.45
C ALA A 293 11.00 8.96 -13.05
N THR A 294 10.78 8.10 -12.06
CA THR A 294 10.76 8.55 -10.66
C THR A 294 12.14 9.05 -10.24
N LEU A 295 13.19 8.31 -10.61
CA LEU A 295 14.57 8.71 -10.36
C LEU A 295 14.86 10.08 -10.93
N ALA A 296 14.46 10.26 -12.18
CA ALA A 296 14.86 11.45 -12.94
C ALA A 296 14.04 12.70 -12.59
N GLU A 297 12.80 12.50 -12.17
CA GLU A 297 11.88 13.63 -12.07
C GLU A 297 11.28 13.87 -10.69
N GLY A 298 11.24 12.82 -9.87
CA GLY A 298 10.48 12.91 -8.63
C GLY A 298 11.32 13.04 -7.39
N ARG A 299 12.64 13.20 -7.55
CA ARG A 299 13.53 13.25 -6.39
C ARG A 299 14.14 14.62 -6.10
N ALA A 300 14.28 14.89 -4.82
CA ALA A 300 15.06 16.04 -4.36
C ALA A 300 16.53 15.64 -4.41
N PRO A 301 17.43 16.63 -4.31
CA PRO A 301 18.85 16.27 -4.34
C PRO A 301 19.28 15.32 -3.23
N ASP A 302 18.60 15.30 -2.08
CA ASP A 302 18.89 14.35 -1.00
C ASP A 302 18.35 12.93 -1.27
N GLY A 303 17.68 12.75 -2.40
CA GLY A 303 17.18 11.45 -2.80
C GLY A 303 15.79 11.08 -2.31
N SER A 304 15.17 11.96 -1.53
CA SER A 304 13.79 11.76 -1.09
C SER A 304 12.88 12.04 -2.26
N LEU A 305 11.61 11.63 -2.13
CA LEU A 305 10.64 11.83 -3.20
C LEU A 305 9.73 13.00 -2.88
N TYR A 306 9.57 13.88 -3.87
CA TYR A 306 8.52 14.91 -3.84
C TYR A 306 7.13 14.26 -3.88
N TYR A 307 6.08 15.05 -3.66
CA TYR A 307 4.75 14.48 -3.52
C TYR A 307 4.03 14.31 -4.86
N GLU A 308 3.97 15.39 -5.64
CA GLU A 308 3.22 15.32 -6.89
C GLU A 308 3.56 16.50 -7.76
N ILE A 309 3.15 16.40 -9.02
CA ILE A 309 2.98 17.59 -9.87
C ILE A 309 1.48 17.67 -10.06
N GLY A 310 0.88 18.78 -9.65
CA GLY A 310 -0.57 18.87 -9.66
C GLY A 310 -1.17 19.15 -11.03
N GLU A 311 -2.49 19.30 -11.05
CA GLU A 311 -3.21 19.49 -12.30
C GLU A 311 -2.82 20.75 -13.05
N GLN A 312 -2.36 21.77 -12.33
CA GLN A 312 -1.89 22.99 -12.98
C GLN A 312 -0.38 23.07 -13.08
N GLY A 313 0.30 21.95 -12.83
CA GLY A 313 1.73 21.87 -13.05
C GLY A 313 2.61 22.13 -11.84
N HIS A 314 2.02 22.50 -10.69
CA HIS A 314 2.84 22.86 -9.55
C HIS A 314 3.48 21.66 -8.90
N LEU A 315 4.78 21.76 -8.65
CA LEU A 315 5.49 20.70 -7.93
C LEU A 315 5.27 20.86 -6.43
N ASP A 316 4.70 19.84 -5.80
CA ASP A 316 4.55 19.81 -4.36
C ASP A 316 5.77 19.11 -3.80
N THR A 317 6.63 19.90 -3.15
CA THR A 317 7.92 19.41 -2.71
C THR A 317 7.88 18.78 -1.32
N ASP A 318 6.72 18.74 -0.69
CA ASP A 318 6.59 18.06 0.61
C ASP A 318 6.97 16.59 0.48
N ARG A 319 7.70 16.08 1.47
CA ARG A 319 8.01 14.66 1.58
C ARG A 319 6.97 14.00 2.48
N HIS A 320 6.04 13.28 1.88
CA HIS A 320 5.07 12.50 2.66
C HIS A 320 5.72 11.20 3.07
N TRP A 321 5.22 10.55 4.11
CA TRP A 321 5.89 9.35 4.63
C TRP A 321 5.89 8.19 3.61
N TRP A 322 4.74 7.99 2.96
CA TRP A 322 4.53 6.78 2.17
C TRP A 322 5.29 6.72 0.82
N PRO A 323 5.47 7.86 0.13
CA PRO A 323 6.32 7.73 -1.08
C PRO A 323 7.76 7.35 -0.75
N GLN A 324 8.26 7.73 0.42
CA GLN A 324 9.63 7.35 0.77
C GLN A 324 9.69 5.84 0.97
N ALA A 325 8.70 5.30 1.68
CA ALA A 325 8.59 3.86 1.88
C ALA A 325 8.50 3.14 0.55
N GLU A 326 7.63 3.62 -0.33
CA GLU A 326 7.44 2.94 -1.61
C GLU A 326 8.68 3.03 -2.49
N ALA A 327 9.44 4.11 -2.35
CA ALA A 327 10.69 4.27 -3.11
C ALA A 327 11.76 3.29 -2.65
N LEU A 328 11.81 3.03 -1.34
CA LEU A 328 12.73 2.02 -0.80
C LEU A 328 12.47 0.69 -1.49
N VAL A 329 11.22 0.25 -1.52
CA VAL A 329 10.90 -1.03 -2.14
C VAL A 329 11.08 -0.95 -3.66
N GLY A 330 10.55 0.11 -4.27
CA GLY A 330 10.57 0.21 -5.72
C GLY A 330 11.97 0.30 -6.29
N PHE A 331 12.85 1.04 -5.63
CA PHE A 331 14.22 1.16 -6.10
C PHE A 331 14.99 -0.16 -5.87
N LEU A 332 14.77 -0.82 -4.74
CA LEU A 332 15.42 -2.12 -4.55
C LEU A 332 14.93 -3.11 -5.58
N ASN A 333 13.63 -3.07 -5.86
CA ASN A 333 13.06 -3.94 -6.89
C ASN A 333 13.64 -3.64 -8.28
N ALA A 334 13.79 -2.37 -8.62
CA ALA A 334 14.36 -2.02 -9.91
C ALA A 334 15.78 -2.55 -10.04
N TYR A 335 16.54 -2.48 -8.95
CA TYR A 335 17.89 -3.02 -8.94
C TYR A 335 17.85 -4.54 -9.15
N GLN A 336 16.94 -5.22 -8.46
CA GLN A 336 16.81 -6.67 -8.65
C GLN A 336 16.42 -7.08 -10.07
N GLU A 337 15.53 -6.31 -10.68
CA GLU A 337 15.08 -6.60 -12.04
C GLU A 337 16.14 -6.32 -13.10
N SER A 338 16.81 -5.18 -12.98
CA SER A 338 17.67 -4.69 -14.05
C SER A 338 19.15 -4.98 -13.83
N GLY A 339 19.52 -5.22 -12.58
CA GLY A 339 20.92 -5.35 -12.23
C GLY A 339 21.67 -4.02 -12.16
N GLU A 340 20.99 -2.91 -12.42
CA GLU A 340 21.67 -1.61 -12.49
C GLU A 340 21.81 -1.03 -11.10
N VAL A 341 23.05 -0.95 -10.63
CA VAL A 341 23.33 -0.59 -9.24
C VAL A 341 22.93 0.86 -8.91
N LEU A 342 22.72 1.70 -9.93
CA LEU A 342 22.21 3.05 -9.67
C LEU A 342 20.89 3.03 -8.89
N PHE A 343 20.10 1.97 -9.07
CA PHE A 343 18.85 1.82 -8.32
C PHE A 343 19.10 1.46 -6.87
N TYR A 344 20.14 0.67 -6.62
CA TYR A 344 20.50 0.37 -5.24
C TYR A 344 20.96 1.67 -4.55
N GLU A 345 21.77 2.46 -5.25
CA GLU A 345 22.25 3.73 -4.71
C GLU A 345 21.06 4.63 -4.34
N ALA A 346 20.05 4.65 -5.21
CA ALA A 346 18.85 5.44 -4.94
C ALA A 346 18.09 4.92 -3.73
N ALA A 347 18.02 3.61 -3.59
CA ALA A 347 17.39 2.99 -2.41
C ALA A 347 18.12 3.41 -1.13
N GLU A 348 19.44 3.40 -1.20
CA GLU A 348 20.26 3.77 -0.07
C GLU A 348 20.03 5.23 0.29
N ASP A 349 19.92 6.09 -0.73
CA ASP A 349 19.72 7.52 -0.47
C ASP A 349 18.38 7.78 0.20
N VAL A 350 17.32 7.14 -0.29
CA VAL A 350 16.02 7.35 0.34
C VAL A 350 16.02 6.80 1.76
N TRP A 351 16.72 5.69 2.00
CA TRP A 351 16.77 5.16 3.35
C TRP A 351 17.46 6.14 4.27
N ARG A 352 18.56 6.74 3.80
CA ARG A 352 19.24 7.73 4.64
C ARG A 352 18.34 8.91 4.94
N TYR A 353 17.54 9.33 3.96
CA TYR A 353 16.57 10.38 4.19
C TYR A 353 15.52 9.97 5.24
N ILE A 354 15.03 8.74 5.11
CA ILE A 354 14.07 8.23 6.06
C ILE A 354 14.64 8.32 7.47
N ARG A 355 15.89 7.91 7.64
CA ARG A 355 16.48 7.90 8.97
C ARG A 355 16.78 9.31 9.49
N GLU A 356 17.22 10.19 8.61
CA GLU A 356 17.66 11.51 9.04
C GLU A 356 16.58 12.57 9.09
N ARG A 357 15.49 12.37 8.33
CA ARG A 357 14.44 13.38 8.21
C ARG A 357 13.02 12.86 8.42
N GLN A 358 12.67 11.71 7.85
CA GLN A 358 11.27 11.29 7.89
C GLN A 358 10.86 10.68 9.23
N ARG A 359 11.76 9.91 9.84
CA ARG A 359 11.48 9.28 11.12
C ARG A 359 11.35 10.35 12.21
N ASP A 360 10.35 10.20 13.09
CA ASP A 360 10.18 11.10 14.22
C ASP A 360 10.80 10.42 15.44
N THR A 361 12.07 10.71 15.68
CA THR A 361 12.80 10.06 16.76
C THR A 361 12.25 10.48 18.14
N ARG A 362 11.78 11.72 18.23
CA ARG A 362 11.07 12.24 19.41
C ARG A 362 9.86 11.42 19.80
N GLY A 363 8.84 11.52 18.96
CA GLY A 363 7.52 11.01 19.26
C GLY A 363 7.26 9.60 18.79
N GLY A 364 8.21 9.03 18.05
CA GLY A 364 8.04 7.68 17.55
C GLY A 364 7.42 7.64 16.17
N GLU A 365 7.59 6.52 15.48
CA GLU A 365 7.05 6.33 14.14
C GLU A 365 7.68 7.32 13.14
N TRP A 366 6.96 7.64 12.07
CA TRP A 366 7.44 8.56 11.03
C TRP A 366 6.50 9.74 10.92
N PHE A 367 7.08 10.93 10.69
CA PHE A 367 6.30 12.11 10.37
C PHE A 367 5.50 11.87 9.10
N ALA A 368 4.24 12.30 9.10
CA ALA A 368 3.43 12.23 7.87
C ALA A 368 4.02 13.07 6.75
N ARG A 369 4.54 14.25 7.08
CA ARG A 369 5.00 15.19 6.06
C ARG A 369 6.17 16.00 6.59
N VAL A 370 7.20 16.14 5.76
CA VAL A 370 8.32 17.01 6.05
C VAL A 370 8.47 18.02 4.91
N ARG A 371 8.65 19.29 5.27
CA ARG A 371 8.75 20.36 4.29
C ARG A 371 10.14 20.36 3.59
N ASP A 372 10.21 21.02 2.44
CA ASP A 372 11.43 21.06 1.64
C ASP A 372 12.65 21.58 2.42
N ASP A 373 12.41 22.39 3.44
CA ASP A 373 13.50 22.95 4.26
C ASP A 373 13.84 22.05 5.44
N GLY A 374 13.19 20.90 5.54
CA GLY A 374 13.48 19.96 6.61
C GLY A 374 12.52 20.01 7.79
N ALA A 375 11.65 21.03 7.82
CA ALA A 375 10.74 21.21 8.95
C ALA A 375 9.58 20.22 8.91
N PRO A 376 9.40 19.44 9.98
CA PRO A 376 8.24 18.55 10.02
C PRO A 376 6.97 19.37 10.16
N TYR A 377 5.89 18.96 9.49
CA TYR A 377 4.59 19.58 9.71
C TYR A 377 3.95 18.95 10.94
N PRO A 378 3.16 19.74 11.68
CA PRO A 378 2.45 19.22 12.87
C PRO A 378 1.18 18.46 12.48
N ASP A 379 1.32 17.44 11.65
CA ASP A 379 0.19 16.62 11.21
C ASP A 379 -0.05 15.49 12.20
N ASP A 380 -1.23 14.88 12.11
CA ASP A 380 -1.54 13.70 12.91
C ASP A 380 -0.52 12.57 12.65
N LYS A 381 -0.19 11.81 13.69
CA LYS A 381 0.69 10.65 13.56
C LYS A 381 -0.04 9.41 13.05
N VAL A 382 -1.32 9.31 13.42
CA VAL A 382 -2.19 8.23 12.96
C VAL A 382 -3.50 8.86 12.60
N ASP A 383 -4.05 8.51 11.44
CA ASP A 383 -5.40 8.99 11.09
C ASP A 383 -5.99 8.07 10.03
N PHE A 384 -7.17 8.44 9.52
CA PHE A 384 -7.84 7.64 8.51
C PHE A 384 -6.90 7.18 7.41
N TRP A 385 -5.99 8.04 6.98
CA TRP A 385 -5.12 7.74 5.85
C TRP A 385 -3.70 7.33 6.21
N LYS A 386 -3.37 7.33 7.49
CA LYS A 386 -2.00 7.00 7.89
C LYS A 386 -1.99 5.82 8.85
N GLY A 387 -1.72 4.64 8.30
CA GLY A 387 -1.59 3.41 9.08
C GLY A 387 -0.16 2.92 9.05
N PRO A 388 0.07 1.67 9.48
CA PRO A 388 1.43 1.14 9.54
C PRO A 388 1.84 0.37 8.29
N TYR A 389 1.02 0.41 7.25
CA TYR A 389 1.19 -0.50 6.12
C TYR A 389 2.27 -0.09 5.12
N HIS A 390 2.29 1.16 4.68
CA HIS A 390 3.33 1.55 3.72
C HIS A 390 4.74 1.40 4.28
N ASN A 391 4.98 1.92 5.48
CA ASN A 391 6.32 1.82 6.04
C ASN A 391 6.63 0.45 6.62
N GLY A 392 5.64 -0.19 7.25
CA GLY A 392 5.82 -1.55 7.72
C GLY A 392 6.11 -2.51 6.56
N ARG A 393 5.31 -2.42 5.50
CA ARG A 393 5.54 -3.30 4.35
C ARG A 393 6.88 -3.00 3.70
N ALA A 394 7.24 -1.72 3.61
CA ALA A 394 8.47 -1.35 2.95
C ALA A 394 9.67 -1.97 3.66
N CYS A 395 9.61 -2.01 4.98
CA CYS A 395 10.69 -2.59 5.76
C CYS A 395 10.74 -4.10 5.58
N LEU A 396 9.58 -4.75 5.69
CA LEU A 396 9.50 -6.20 5.49
C LEU A 396 10.01 -6.57 4.10
N GLU A 397 9.57 -5.84 3.06
CA GLU A 397 10.03 -6.11 1.70
C GLU A 397 11.53 -5.94 1.56
N ALA A 398 12.07 -4.84 2.09
CA ALA A 398 13.51 -4.59 1.98
C ALA A 398 14.30 -5.70 2.68
N ILE A 399 13.85 -6.14 3.85
CA ILE A 399 14.55 -7.19 4.59
C ILE A 399 14.67 -8.46 3.75
N GLN A 400 13.57 -8.87 3.14
CA GLN A 400 13.55 -10.09 2.33
C GLN A 400 14.34 -9.94 1.02
N ARG A 401 14.24 -8.78 0.40
CA ARG A 401 14.95 -8.54 -0.85
C ARG A 401 16.45 -8.50 -0.60
N LEU A 402 16.86 -7.86 0.49
CA LEU A 402 18.27 -7.84 0.86
C LEU A 402 18.77 -9.25 1.23
N ARG A 403 17.91 -10.07 1.82
CA ARG A 403 18.27 -11.45 2.13
C ARG A 403 18.59 -12.17 0.82
N HIS A 404 17.75 -11.95 -0.19
CA HIS A 404 17.98 -12.59 -1.48
C HIS A 404 19.24 -12.08 -2.16
N LEU A 405 19.49 -10.78 -2.09
CA LEU A 405 20.72 -10.22 -2.67
C LEU A 405 21.95 -10.78 -1.97
N LEU A 406 21.86 -10.97 -0.65
CA LEU A 406 22.97 -11.53 0.12
C LEU A 406 23.32 -12.94 -0.34
N GLU A 407 22.33 -13.65 -0.87
CA GLU A 407 22.53 -15.03 -1.33
C GLU A 407 23.24 -15.13 -2.68
N HIS A 408 23.52 -13.99 -3.30
CA HIS A 408 24.25 -13.96 -4.57
C HIS A 408 25.71 -14.32 -4.36
N VAL A 409 26.17 -14.27 -3.10
CA VAL A 409 27.44 -14.88 -2.72
C VAL A 409 27.14 -16.34 -2.42
N ARG A 410 27.43 -17.22 -3.39
CA ARG A 410 27.06 -18.63 -3.28
C ARG A 410 27.84 -19.38 -2.20
N SER A 411 27.20 -20.39 -1.60
CA SER A 411 27.88 -21.25 -0.64
C SER A 411 28.94 -22.11 -1.33
N ARG A 412 29.89 -22.60 -0.53
CA ARG A 412 30.99 -23.41 -1.05
C ARG A 412 31.08 -24.77 -0.36
C1 BMA B . -1.40 5.12 -1.13
C2 BMA B . -2.30 5.83 -2.06
C3 BMA B . -2.52 7.24 -1.70
C4 BMA B . -2.78 7.47 -0.24
C5 BMA B . -1.76 6.71 0.59
C6 BMA B . -1.92 6.95 2.09
O1 BMA B . -1.40 3.80 -1.46
O2 BMA B . -3.55 5.07 -2.06
O3 BMA B . -3.60 7.75 -2.43
O4 BMA B . -2.72 8.88 0.02
O5 BMA B . -1.85 5.32 0.29
O6 BMA B . -3.13 6.54 2.69
C1 GAL B . -3.91 9.37 0.53
C2 GAL B . -3.65 10.73 1.22
C3 GAL B . -4.90 11.37 1.67
C4 GAL B . -5.87 11.46 0.64
C5 GAL B . -6.11 10.10 0.00
C6 GAL B . -7.09 10.21 -1.06
O2 GAL B . -2.76 10.57 2.31
O3 GAL B . -4.57 12.73 2.16
O4 GAL B . -5.43 12.39 -0.35
O5 GAL B . -4.83 9.51 -0.51
O6 GAL B . -6.66 10.55 -2.33
CL CL C . -0.28 3.21 5.76
P PO4 D . -10.53 -6.82 20.37
O1 PO4 D . -9.95 -5.74 21.27
O2 PO4 D . -11.94 -7.14 20.78
O3 PO4 D . -10.53 -6.27 18.96
O4 PO4 D . -9.64 -8.05 20.43
#